data_8OVV
#
_entry.id   8OVV
#
_cell.length_a   95.982
_cell.length_b   95.982
_cell.length_c   77.291
_cell.angle_alpha   90.000
_cell.angle_beta   90.000
_cell.angle_gamma   120.000
#
_symmetry.space_group_name_H-M   'P 32 2 1'
#
loop_
_entity.id
_entity.type
_entity.pdbx_description
1 polymer 'Cobalamin ABC transporter'
2 non-polymer COBALAMIN
3 non-polymer 'nonyl beta-D-glucopyranoside'
4 water water
#
_entity_poly.entity_id   1
_entity_poly.type   'polypeptide(L)'
_entity_poly.pdbx_seq_one_letter_code
;GPLNLTRRQQIAIGFVLVLMMLLTRSHHWASIHSLPDASWAIFFLLGVYVRALWVVPALIAASVVIDYVAITWGGVSDFC
VSPAYWLLIPAYLALFAGGRFYARGHSLSLLGLFRLAGVALAVVAVAQLLTTGGFYFYSGRFADPTLAGLVLRLEKYFPP
MLGTFALYVGLAATVHVALAAVFRRDGDPRTLMGTRRER
;
_entity_poly.pdbx_strand_id   A
#
loop_
_chem_comp.id
_chem_comp.type
_chem_comp.name
_chem_comp.formula
B12 non-polymer COBALAMIN 'C62 H89 Co N13 O14 P 2'
BNG D-saccharide 'nonyl beta-D-glucopyranoside' 'C15 H30 O6'
#
# COMPACT_ATOMS: atom_id res chain seq x y z
N LEU A 5 -19.70 13.34 7.38
CA LEU A 5 -18.54 14.22 7.07
C LEU A 5 -18.94 15.26 6.03
N THR A 6 -18.67 16.53 6.34
CA THR A 6 -18.89 17.60 5.38
C THR A 6 -17.91 17.44 4.23
N ARG A 7 -18.26 18.10 3.12
CA ARG A 7 -17.42 18.22 1.95
C ARG A 7 -16.01 18.69 2.34
N ARG A 8 -15.94 19.60 3.32
CA ARG A 8 -14.68 20.16 3.76
C ARG A 8 -13.82 19.11 4.45
N GLN A 9 -14.41 18.33 5.35
CA GLN A 9 -13.70 17.25 6.02
C GLN A 9 -13.25 16.20 4.98
N GLN A 10 -14.04 16.00 3.92
CA GLN A 10 -13.70 15.02 2.90
C GLN A 10 -12.47 15.47 2.12
N ILE A 11 -12.43 16.77 1.78
CA ILE A 11 -11.34 17.37 1.04
C ILE A 11 -10.07 17.30 1.89
N ALA A 12 -10.20 17.58 3.19
CA ALA A 12 -9.09 17.53 4.13
C ALA A 12 -8.49 16.12 4.16
N ILE A 13 -9.35 15.11 4.30
CA ILE A 13 -8.92 13.72 4.33
C ILE A 13 -8.23 13.40 2.99
N GLY A 14 -8.92 13.74 1.90
CA GLY A 14 -8.32 13.55 0.59
C GLY A 14 -6.90 14.13 0.50
N PHE A 15 -6.72 15.39 0.90
CA PHE A 15 -5.38 15.97 0.77
C PHE A 15 -4.38 15.29 1.70
N VAL A 16 -4.81 14.84 2.88
CA VAL A 16 -3.85 14.25 3.80
C VAL A 16 -3.36 12.92 3.23
N LEU A 17 -4.21 12.18 2.47
CA LEU A 17 -3.84 10.89 1.87
C LEU A 17 -2.86 11.10 0.72
N VAL A 18 -3.16 12.09 -0.13
CA VAL A 18 -2.27 12.44 -1.24
C VAL A 18 -0.92 12.94 -0.71
N LEU A 19 -0.98 13.81 0.31
CA LEU A 19 0.27 14.29 0.91
C LEU A 19 1.10 13.13 1.48
N MET A 20 0.46 12.23 2.23
CA MET A 20 1.19 11.10 2.80
CA MET A 20 1.16 11.08 2.80
C MET A 20 1.90 10.32 1.69
N MET A 21 1.20 10.07 0.57
CA MET A 21 1.82 9.42 -0.58
C MET A 21 3.01 10.26 -1.07
N LEU A 22 2.75 11.56 -1.28
CA LEU A 22 3.75 12.46 -1.79
C LEU A 22 5.03 12.31 -0.97
N LEU A 23 4.89 12.21 0.37
CA LEU A 23 6.01 12.27 1.29
C LEU A 23 6.67 10.92 1.50
N THR A 24 5.97 9.82 1.21
CA THR A 24 6.47 8.51 1.62
C THR A 24 6.73 7.58 0.44
N ARG A 25 6.24 7.84 -0.77
CA ARG A 25 6.36 6.81 -1.80
C ARG A 25 7.81 6.58 -2.28
N SER A 26 8.80 7.30 -1.73
CA SER A 26 10.19 7.10 -2.11
C SER A 26 10.92 6.21 -1.12
N HIS A 27 10.18 5.65 -0.16
CA HIS A 27 10.75 4.74 0.85
C HIS A 27 9.82 3.57 1.09
N HIS A 28 10.32 2.35 0.81
CA HIS A 28 9.48 1.15 1.00
C HIS A 28 9.40 0.75 2.48
N TRP A 29 10.42 1.14 3.26
CA TRP A 29 10.39 0.91 4.69
C TRP A 29 11.21 1.98 5.43
N ALA A 30 10.96 2.09 6.74
CA ALA A 30 11.38 3.22 7.54
C ALA A 30 12.91 3.37 7.52
N SER A 31 13.37 4.62 7.63
CA SER A 31 14.77 4.92 7.86
C SER A 31 14.85 5.98 8.95
N ILE A 32 16.08 6.29 9.36
CA ILE A 32 16.36 7.24 10.42
C ILE A 32 15.69 8.58 10.11
N HIS A 33 15.60 8.90 8.81
CA HIS A 33 15.24 10.23 8.32
C HIS A 33 13.81 10.28 7.77
N SER A 34 13.18 9.14 7.46
CA SER A 34 12.00 9.20 6.61
C SER A 34 10.97 8.12 6.93
N LEU A 35 9.70 8.51 6.73
CA LEU A 35 8.54 7.63 6.84
C LEU A 35 8.39 6.74 5.59
N PRO A 36 8.02 5.47 5.82
CA PRO A 36 7.84 4.50 4.74
C PRO A 36 6.50 4.68 4.03
N ASP A 37 6.46 4.14 2.81
CA ASP A 37 5.34 4.29 1.89
C ASP A 37 4.06 3.86 2.62
N ALA A 38 3.14 4.83 2.82
CA ALA A 38 1.83 4.56 3.40
C ALA A 38 0.84 3.97 2.37
N SER A 39 1.25 3.79 1.11
CA SER A 39 0.29 3.54 0.02
C SER A 39 -0.52 2.25 0.23
N TRP A 40 0.16 1.17 0.58
CA TRP A 40 -0.51 -0.11 0.71
C TRP A 40 -1.51 -0.09 1.85
N ALA A 41 -1.10 0.46 3.01
CA ALA A 41 -2.07 0.60 4.11
C ALA A 41 -3.26 1.44 3.70
N ILE A 42 -3.04 2.51 2.96
CA ILE A 42 -4.10 3.44 2.59
C ILE A 42 -5.16 2.71 1.78
N PHE A 43 -4.75 1.98 0.73
CA PHE A 43 -5.76 1.28 -0.07
C PHE A 43 -6.52 0.25 0.75
N PHE A 44 -5.83 -0.46 1.65
CA PHE A 44 -6.52 -1.38 2.57
C PHE A 44 -7.55 -0.59 3.42
N LEU A 45 -7.12 0.55 4.00
CA LEU A 45 -7.96 1.32 4.91
C LEU A 45 -9.14 1.95 4.16
N LEU A 46 -8.97 2.26 2.87
CA LEU A 46 -10.09 2.69 2.05
C LEU A 46 -11.12 1.55 1.95
N GLY A 47 -10.63 0.32 1.76
CA GLY A 47 -11.49 -0.85 1.74
C GLY A 47 -12.31 -0.94 3.03
N VAL A 48 -11.63 -0.74 4.16
CA VAL A 48 -12.25 -0.91 5.46
C VAL A 48 -13.34 0.16 5.64
N TYR A 49 -13.02 1.44 5.34
CA TYR A 49 -13.83 2.58 5.80
C TYR A 49 -14.60 3.34 4.73
N VAL A 50 -14.18 3.30 3.46
CA VAL A 50 -14.76 4.27 2.53
C VAL A 50 -15.59 3.58 1.47
N ARG A 51 -16.87 3.91 1.46
CA ARG A 51 -17.85 3.29 0.57
C ARG A 51 -17.68 3.67 -0.91
N ALA A 52 -17.44 4.96 -1.20
CA ALA A 52 -17.36 5.45 -2.55
C ALA A 52 -16.20 4.76 -3.28
N LEU A 53 -16.53 4.11 -4.40
CA LEU A 53 -15.60 3.32 -5.19
C LEU A 53 -14.63 4.22 -5.98
N TRP A 54 -15.08 5.43 -6.36
CA TRP A 54 -14.32 6.29 -7.27
C TRP A 54 -13.01 6.74 -6.63
N VAL A 55 -12.91 6.68 -5.32
CA VAL A 55 -11.74 7.21 -4.61
C VAL A 55 -10.50 6.39 -4.92
N VAL A 56 -10.68 5.10 -5.19
CA VAL A 56 -9.56 4.21 -5.39
C VAL A 56 -8.88 4.56 -6.71
N PRO A 57 -9.57 4.53 -7.87
CA PRO A 57 -8.94 4.93 -9.12
C PRO A 57 -8.34 6.34 -9.06
N ALA A 58 -8.96 7.27 -8.32
CA ALA A 58 -8.47 8.63 -8.15
C ALA A 58 -7.10 8.58 -7.43
N LEU A 59 -7.06 7.78 -6.36
CA LEU A 59 -5.85 7.77 -5.57
C LEU A 59 -4.75 7.00 -6.29
N ILE A 60 -5.11 6.02 -7.17
CA ILE A 60 -4.11 5.41 -8.04
C ILE A 60 -3.48 6.47 -8.95
N ALA A 61 -4.31 7.32 -9.56
CA ALA A 61 -3.85 8.38 -10.48
C ALA A 61 -2.82 9.21 -9.75
N ALA A 62 -3.15 9.56 -8.50
CA ALA A 62 -2.24 10.40 -7.70
C ALA A 62 -0.92 9.66 -7.50
N SER A 63 -0.95 8.33 -7.23
CA SER A 63 0.28 7.62 -6.97
C SER A 63 1.20 7.68 -8.18
N VAL A 64 0.61 7.56 -9.38
CA VAL A 64 1.35 7.47 -10.62
C VAL A 64 2.03 8.83 -10.92
N VAL A 65 1.34 9.97 -10.69
CA VAL A 65 1.93 11.26 -11.07
C VAL A 65 2.99 11.61 -10.03
N ILE A 66 2.75 11.16 -8.79
CA ILE A 66 3.76 11.29 -7.75
C ILE A 66 5.02 10.51 -8.11
N ASP A 67 4.90 9.24 -8.53
CA ASP A 67 6.11 8.50 -8.91
C ASP A 67 6.84 9.22 -10.06
N TYR A 68 6.11 9.62 -11.12
CA TYR A 68 6.69 10.30 -12.28
C TYR A 68 7.51 11.53 -11.85
N VAL A 69 6.93 12.36 -10.99
CA VAL A 69 7.60 13.57 -10.53
C VAL A 69 8.85 13.23 -9.70
N ALA A 70 8.71 12.27 -8.76
CA ALA A 70 9.79 11.92 -7.85
C ALA A 70 11.03 11.57 -8.64
N ILE A 71 10.78 10.88 -9.74
CA ILE A 71 11.85 10.40 -10.59
C ILE A 71 12.32 11.43 -11.62
N THR A 72 11.41 12.27 -12.15
CA THR A 72 11.72 13.15 -13.27
C THR A 72 12.37 14.40 -12.69
N TRP A 73 11.85 14.86 -11.56
CA TRP A 73 12.26 16.14 -11.00
C TRP A 73 12.90 15.94 -9.63
N GLY A 74 12.39 14.96 -8.85
CA GLY A 74 12.87 14.80 -7.50
C GLY A 74 14.21 14.07 -7.38
N GLY A 75 14.79 13.59 -8.49
CA GLY A 75 16.10 12.94 -8.40
C GLY A 75 16.08 11.50 -7.87
N VAL A 76 14.89 10.89 -7.70
CA VAL A 76 14.78 9.52 -7.24
C VAL A 76 15.15 8.56 -8.38
N SER A 77 15.92 7.50 -8.03
CA SER A 77 16.27 6.44 -8.95
C SER A 77 15.02 5.97 -9.71
N ASP A 78 15.17 5.67 -11.01
CA ASP A 78 14.07 5.06 -11.78
C ASP A 78 14.28 3.55 -11.94
N PHE A 79 15.09 2.99 -11.05
CA PHE A 79 15.42 1.58 -11.17
C PHE A 79 14.13 0.74 -11.17
N CYS A 80 13.14 1.11 -10.32
CA CYS A 80 11.99 0.26 -10.00
C CYS A 80 10.91 0.39 -11.08
N VAL A 81 11.12 1.27 -12.07
CA VAL A 81 10.06 1.57 -13.01
C VAL A 81 10.38 0.78 -14.28
N SER A 82 9.44 -0.03 -14.78
CA SER A 82 9.70 -0.94 -15.88
C SER A 82 8.32 -1.32 -16.45
N PRO A 83 8.24 -2.17 -17.49
CA PRO A 83 6.96 -2.74 -17.94
C PRO A 83 6.09 -3.43 -16.88
N ALA A 84 6.68 -3.82 -15.72
CA ALA A 84 5.97 -4.55 -14.66
C ALA A 84 5.24 -3.57 -13.76
N TYR A 85 5.42 -2.25 -14.00
CA TYR A 85 4.99 -1.21 -13.05
C TYR A 85 3.47 -1.27 -12.85
N TRP A 86 2.76 -1.54 -13.95
CA TRP A 86 1.30 -1.52 -13.91
C TRP A 86 0.77 -2.62 -13.02
N LEU A 87 1.60 -3.60 -12.63
CA LEU A 87 1.12 -4.67 -11.75
C LEU A 87 0.84 -4.12 -10.34
N LEU A 88 1.20 -2.85 -10.07
CA LEU A 88 0.86 -2.15 -8.82
C LEU A 88 -0.67 -2.07 -8.68
N ILE A 89 -1.34 -1.91 -9.83
CA ILE A 89 -2.75 -1.64 -9.85
C ILE A 89 -3.49 -2.83 -9.26
N PRO A 90 -3.30 -4.07 -9.75
CA PRO A 90 -3.97 -5.22 -9.10
C PRO A 90 -3.58 -5.40 -7.62
N ALA A 91 -2.35 -5.00 -7.24
CA ALA A 91 -1.91 -5.08 -5.85
C ALA A 91 -2.72 -4.09 -5.01
N TYR A 92 -2.93 -2.87 -5.53
CA TYR A 92 -3.73 -1.88 -4.83
C TYR A 92 -5.16 -2.37 -4.64
N LEU A 93 -5.72 -2.98 -5.69
CA LEU A 93 -7.09 -3.50 -5.73
C LEU A 93 -7.21 -4.67 -4.74
N ALA A 94 -6.20 -5.55 -4.69
CA ALA A 94 -6.21 -6.67 -3.76
C ALA A 94 -6.25 -6.11 -2.35
N LEU A 95 -5.40 -5.12 -2.06
CA LEU A 95 -5.41 -4.50 -0.72
C LEU A 95 -6.76 -3.87 -0.38
N PHE A 96 -7.36 -3.12 -1.30
CA PHE A 96 -8.66 -2.52 -1.10
C PHE A 96 -9.72 -3.62 -0.82
N ALA A 97 -9.65 -4.71 -1.62
CA ALA A 97 -10.59 -5.80 -1.46
C ALA A 97 -10.37 -6.46 -0.10
N GLY A 98 -9.10 -6.54 0.33
CA GLY A 98 -8.78 -7.07 1.65
C GLY A 98 -9.54 -6.30 2.73
N GLY A 99 -9.52 -4.97 2.64
CA GLY A 99 -10.14 -4.16 3.68
C GLY A 99 -11.65 -4.27 3.64
N ARG A 100 -12.23 -4.32 2.44
CA ARG A 100 -13.64 -4.61 2.29
C ARG A 100 -14.00 -5.95 2.97
N PHE A 101 -13.15 -6.98 2.79
CA PHE A 101 -13.47 -8.30 3.30
C PHE A 101 -13.41 -8.29 4.83
N TYR A 102 -12.37 -7.68 5.40
CA TYR A 102 -12.21 -7.55 6.84
C TYR A 102 -13.38 -6.79 7.47
N ALA A 103 -13.96 -5.79 6.73
CA ALA A 103 -15.06 -5.03 7.27
C ALA A 103 -16.37 -5.81 7.20
N ARG A 104 -16.53 -6.72 6.22
CA ARG A 104 -17.74 -7.51 6.00
C ARG A 104 -17.99 -8.35 7.25
N GLY A 105 -17.03 -9.21 7.60
CA GLY A 105 -17.12 -9.98 8.83
C GLY A 105 -16.85 -9.06 10.00
N HIS A 106 -17.29 -9.43 11.22
CA HIS A 106 -17.12 -8.57 12.39
C HIS A 106 -17.63 -7.16 12.09
N SER A 107 -18.77 -7.08 11.37
CA SER A 107 -19.41 -5.83 11.00
C SER A 107 -19.64 -4.96 12.23
N LEU A 111 -11.92 -7.05 19.28
CA LEU A 111 -12.22 -8.49 19.07
C LEU A 111 -11.74 -8.91 17.68
N GLY A 112 -11.88 -7.96 16.75
CA GLY A 112 -11.56 -8.16 15.35
C GLY A 112 -10.05 -8.34 15.12
N LEU A 113 -9.18 -8.11 16.11
CA LEU A 113 -7.73 -7.99 15.99
C LEU A 113 -6.96 -9.23 15.52
N PHE A 114 -7.23 -10.47 16.02
CA PHE A 114 -6.44 -11.62 15.57
C PHE A 114 -6.89 -12.00 14.15
N ARG A 115 -8.17 -11.74 13.87
CA ARG A 115 -8.71 -11.86 12.52
C ARG A 115 -8.05 -10.82 11.61
N LEU A 116 -7.85 -9.59 12.10
CA LEU A 116 -7.23 -8.57 11.28
C LEU A 116 -5.81 -9.01 10.87
N ALA A 117 -5.06 -9.53 11.85
CA ALA A 117 -3.69 -9.93 11.57
C ALA A 117 -3.67 -10.96 10.45
N GLY A 118 -4.56 -11.95 10.51
CA GLY A 118 -4.54 -12.99 9.49
C GLY A 118 -4.91 -12.48 8.10
N VAL A 119 -5.91 -11.60 8.04
CA VAL A 119 -6.35 -10.95 6.81
C VAL A 119 -5.21 -10.12 6.23
N ALA A 120 -4.54 -9.32 7.09
CA ALA A 120 -3.44 -8.46 6.65
C ALA A 120 -2.35 -9.33 6.02
N LEU A 121 -1.94 -10.38 6.74
CA LEU A 121 -0.83 -11.18 6.26
C LEU A 121 -1.16 -11.76 4.87
N ALA A 122 -2.42 -12.19 4.66
CA ALA A 122 -2.80 -12.84 3.42
C ALA A 122 -2.93 -11.82 2.29
N VAL A 123 -3.54 -10.66 2.60
CA VAL A 123 -3.81 -9.69 1.56
C VAL A 123 -2.51 -9.01 1.15
N VAL A 124 -1.65 -8.71 2.15
CA VAL A 124 -0.35 -8.17 1.79
C VAL A 124 0.46 -9.19 0.98
N ALA A 125 0.33 -10.50 1.31
CA ALA A 125 1.08 -11.51 0.57
C ALA A 125 0.65 -11.49 -0.90
N VAL A 126 -0.65 -11.34 -1.15
CA VAL A 126 -1.12 -11.21 -2.53
C VAL A 126 -0.47 -9.98 -3.18
N ALA A 127 -0.39 -8.87 -2.46
CA ALA A 127 0.16 -7.66 -3.07
C ALA A 127 1.65 -7.89 -3.35
N GLN A 128 2.30 -8.66 -2.47
CA GLN A 128 3.73 -8.86 -2.58
C GLN A 128 4.05 -9.76 -3.77
N LEU A 129 3.23 -10.78 -3.97
CA LEU A 129 3.40 -11.64 -5.14
C LEU A 129 3.29 -10.80 -6.41
N LEU A 130 2.22 -10.02 -6.53
CA LEU A 130 1.98 -9.21 -7.72
C LEU A 130 3.12 -8.22 -7.96
N THR A 131 3.67 -7.64 -6.86
CA THR A 131 4.65 -6.57 -7.06
C THR A 131 6.09 -7.11 -7.13
N THR A 132 6.55 -7.76 -6.06
CA THR A 132 7.85 -8.43 -6.09
C THR A 132 7.90 -9.49 -7.19
N GLY A 133 6.86 -10.31 -7.32
CA GLY A 133 6.85 -11.32 -8.37
C GLY A 133 6.71 -10.71 -9.76
N GLY A 134 5.85 -9.69 -9.89
CA GLY A 134 5.66 -8.98 -11.16
C GLY A 134 6.98 -8.40 -11.63
N PHE A 135 7.71 -7.78 -10.69
CA PHE A 135 8.96 -7.10 -10.99
C PHE A 135 10.03 -8.09 -11.42
N TYR A 136 10.11 -9.23 -10.72
CA TYR A 136 11.13 -10.23 -10.97
C TYR A 136 10.85 -10.89 -12.32
N PHE A 137 9.57 -11.22 -12.56
CA PHE A 137 9.27 -11.96 -13.78
C PHE A 137 9.15 -11.03 -15.00
N TYR A 138 8.67 -9.78 -14.84
CA TYR A 138 8.31 -8.98 -16.01
C TYR A 138 9.08 -7.67 -16.11
N SER A 139 9.96 -7.35 -15.16
CA SER A 139 10.67 -6.08 -15.30
C SER A 139 11.64 -6.16 -16.49
N GLY A 140 12.09 -7.38 -16.84
CA GLY A 140 13.07 -7.54 -17.92
C GLY A 140 14.49 -7.35 -17.39
N ARG A 141 14.64 -7.12 -16.09
CA ARG A 141 15.94 -6.99 -15.44
C ARG A 141 16.45 -8.34 -14.97
N PHE A 142 15.71 -9.43 -15.21
CA PHE A 142 16.07 -10.76 -14.73
C PHE A 142 16.00 -11.73 -15.90
N ALA A 143 17.16 -12.26 -16.24
CA ALA A 143 17.29 -13.11 -17.41
C ALA A 143 16.67 -14.49 -17.16
N ASP A 144 16.92 -15.08 -15.97
CA ASP A 144 16.48 -16.46 -15.73
C ASP A 144 15.78 -16.55 -14.39
N PRO A 145 14.57 -15.94 -14.28
CA PRO A 145 13.79 -15.96 -13.05
C PRO A 145 13.16 -17.33 -12.85
N THR A 146 13.33 -17.82 -11.61
CA THR A 146 12.87 -19.13 -11.18
C THR A 146 11.95 -18.98 -9.97
N LEU A 147 11.30 -20.09 -9.62
CA LEU A 147 10.43 -20.16 -8.47
C LEU A 147 11.28 -19.98 -7.22
N ALA A 148 12.45 -20.63 -7.19
CA ALA A 148 13.36 -20.47 -6.07
C ALA A 148 13.71 -18.99 -5.94
N GLY A 149 14.18 -18.42 -7.05
CA GLY A 149 14.51 -17.00 -7.07
C GLY A 149 13.34 -16.15 -6.57
N LEU A 150 12.12 -16.48 -6.99
CA LEU A 150 10.95 -15.74 -6.56
C LEU A 150 10.81 -15.75 -5.04
N VAL A 151 10.84 -16.97 -4.47
CA VAL A 151 10.71 -17.18 -3.05
C VAL A 151 11.83 -16.49 -2.25
N LEU A 152 13.13 -16.54 -2.67
CA LEU A 152 14.21 -15.83 -1.96
C LEU A 152 13.78 -14.38 -1.84
N ARG A 153 13.15 -13.83 -2.90
CA ARG A 153 12.91 -12.38 -2.95
C ARG A 153 11.70 -12.03 -2.10
N LEU A 154 10.63 -12.85 -2.15
CA LEU A 154 9.49 -12.67 -1.27
C LEU A 154 9.91 -12.72 0.19
N GLU A 155 10.84 -13.64 0.53
CA GLU A 155 11.32 -13.81 1.90
C GLU A 155 12.04 -12.54 2.37
N LYS A 156 12.77 -11.89 1.45
CA LYS A 156 13.53 -10.71 1.82
C LYS A 156 12.60 -9.50 1.96
N TYR A 157 11.64 -9.32 1.05
CA TYR A 157 10.91 -8.06 0.98
C TYR A 157 9.60 -8.07 1.77
N PHE A 158 8.98 -9.26 1.91
CA PHE A 158 7.70 -9.33 2.58
C PHE A 158 7.82 -8.79 4.01
N PRO A 159 8.75 -9.26 4.85
CA PRO A 159 8.74 -8.80 6.25
C PRO A 159 8.76 -7.27 6.42
N PRO A 160 9.73 -6.52 5.86
CA PRO A 160 9.75 -5.06 6.02
C PRO A 160 8.56 -4.34 5.40
N MET A 161 8.06 -4.82 4.24
CA MET A 161 6.92 -4.17 3.63
C MET A 161 5.63 -4.50 4.40
N LEU A 162 5.59 -5.68 5.03
CA LEU A 162 4.46 -6.04 5.89
C LEU A 162 4.48 -5.16 7.14
N GLY A 163 5.67 -4.95 7.69
CA GLY A 163 5.87 -4.12 8.87
C GLY A 163 5.42 -2.68 8.61
N THR A 164 5.81 -2.14 7.46
CA THR A 164 5.34 -0.81 7.04
C THR A 164 3.79 -0.78 7.09
N PHE A 165 3.18 -1.80 6.47
CA PHE A 165 1.73 -1.89 6.42
C PHE A 165 1.16 -1.89 7.84
N ALA A 166 1.71 -2.77 8.71
CA ALA A 166 1.20 -2.92 10.06
C ALA A 166 1.44 -1.63 10.86
N LEU A 167 2.51 -0.89 10.55
CA LEU A 167 2.72 0.38 11.23
C LEU A 167 1.48 1.24 11.04
N TYR A 168 1.01 1.37 9.80
CA TYR A 168 -0.01 2.36 9.48
C TYR A 168 -1.38 1.82 9.83
N VAL A 169 -1.58 0.51 9.65
CA VAL A 169 -2.89 -0.03 9.99
C VAL A 169 -3.02 -0.10 11.52
N GLY A 170 -1.91 -0.43 12.18
CA GLY A 170 -1.81 -0.37 13.63
C GLY A 170 -2.36 0.96 14.17
N LEU A 171 -1.84 2.08 13.63
CA LEU A 171 -2.21 3.41 14.07
C LEU A 171 -3.67 3.72 13.75
N ALA A 172 -4.15 3.28 12.57
CA ALA A 172 -5.55 3.45 12.25
C ALA A 172 -6.40 2.79 13.32
N ALA A 173 -5.98 1.60 13.74
CA ALA A 173 -6.72 0.86 14.74
C ALA A 173 -6.76 1.66 16.04
N THR A 174 -5.61 2.14 16.51
CA THR A 174 -5.57 2.82 17.78
C THR A 174 -6.28 4.19 17.71
N VAL A 175 -6.23 4.83 16.54
CA VAL A 175 -7.04 6.04 16.35
C VAL A 175 -8.53 5.70 16.49
N HIS A 176 -9.00 4.65 15.79
CA HIS A 176 -10.40 4.29 15.79
C HIS A 176 -10.87 3.97 17.22
N VAL A 177 -10.16 3.09 17.94
CA VAL A 177 -10.55 2.69 19.29
C VAL A 177 -10.58 3.91 20.22
N ALA A 178 -9.60 4.81 20.09
CA ALA A 178 -9.65 6.09 20.80
C ALA A 178 -10.94 6.83 20.45
N LEU A 179 -11.05 7.35 19.22
CA LEU A 179 -12.24 8.08 18.77
C LEU A 179 -13.52 7.41 19.26
N ALA A 180 -13.56 6.07 19.27
CA ALA A 180 -14.75 5.35 19.71
C ALA A 180 -15.13 5.76 21.14
N ALA A 181 -14.16 5.68 22.06
CA ALA A 181 -14.36 6.21 23.42
C ALA A 181 -14.85 7.66 23.36
N VAL A 182 -14.19 8.51 22.55
CA VAL A 182 -14.48 9.93 22.43
C VAL A 182 -15.68 10.17 21.50
CO B12 B . 11.28 0.39 -5.40
N21 B12 B . 10.12 -0.91 -6.17
N22 B12 B . 10.06 1.80 -5.86
N23 B12 B . 12.60 1.50 -4.59
N24 B12 B . 12.20 -1.13 -4.74
C1 B12 B . 10.47 -2.32 -6.02
C20 B12 B . 11.38 -2.69 -7.20
C2 B12 B . 9.08 -3.04 -5.97
C25 B12 B . 9.05 -4.49 -6.55
C26 B12 B . 8.50 -3.03 -4.52
C27 B12 B . 7.19 -3.76 -4.32
O28 B12 B . 6.13 -3.12 -4.59
N29 B12 B . 7.23 -5.00 -3.85
C3 B12 B . 8.18 -2.04 -6.79
C30 B12 B . 7.96 -2.38 -8.27
C31 B12 B . 6.53 -2.87 -8.49
C32 B12 B . 6.15 -3.49 -9.81
O34 B12 B . 5.01 -3.94 -10.02
N33 B12 B . 7.07 -3.46 -10.72
C4 B12 B . 8.92 -0.74 -6.60
C5 B12 B . 8.24 0.60 -6.91
C35 B12 B . 6.93 0.53 -7.65
C6 B12 B . 8.83 1.79 -6.52
C7 B12 B . 8.30 3.20 -6.76
C36 B12 B . 8.28 3.37 -8.30
C37 B12 B . 6.91 3.48 -6.16
C38 B12 B . 6.45 2.69 -4.92
O39 B12 B . 5.78 1.66 -5.06
N40 B12 B . 6.80 3.16 -3.74
C8 B12 B . 9.30 4.11 -5.97
C41 B12 B . 9.92 5.32 -6.76
C42 B12 B . 8.92 6.45 -7.02
C43 B12 B . 8.72 7.50 -5.95
O44 B12 B . 7.59 8.01 -5.74
N45 B12 B . 9.79 7.82 -5.23
C9 B12 B . 10.33 3.08 -5.57
C10 B12 B . 11.45 3.60 -4.88
C11 B12 B . 12.47 2.85 -4.44
C12 B12 B . 13.67 3.41 -3.69
C46 B12 B . 13.41 3.28 -2.18
C47 B12 B . 14.06 4.85 -4.03
C13 B12 B . 14.76 2.36 -4.14
C48 B12 B . 15.30 2.75 -5.51
C49 B12 B . 16.16 1.69 -6.23
C50 B12 B . 17.54 1.56 -5.65
O51 B12 B . 18.34 0.69 -6.10
N52 B12 B . 17.85 2.41 -4.68
C14 B12 B . 13.87 1.10 -4.27
C15 B12 B . 14.32 -0.18 -4.04
C53 B12 B . 15.72 -0.48 -3.55
C16 B12 B . 13.36 -1.32 -4.19
C17 B12 B . 13.59 -2.75 -3.71
C54 B12 B . 13.49 -2.70 -2.16
C55 B12 B . 14.85 -3.53 -4.18
C56 B12 B . 15.13 -3.34 -5.68
C57 B12 B . 15.53 -4.66 -6.29
O58 B12 B . 14.77 -5.67 -6.26
N59 B12 B . 16.71 -4.69 -6.88
C18 B12 B . 12.37 -3.47 -4.33
C60 B12 B . 11.82 -4.56 -3.40
C61 B12 B . 11.10 -5.69 -4.06
O63 B12 B . 9.99 -6.07 -3.65
N62 B12 B . 11.73 -6.26 -5.08
C19 B12 B . 11.36 -2.36 -4.69
C1P B12 B . 17.17 -5.82 -7.67
C2P B12 B . 18.27 -6.57 -6.87
C3P B12 B . 19.39 -5.63 -6.50
O3 B12 B . 17.71 -7.14 -5.70
O4 B12 B . 16.44 -8.85 -7.12
O5 B12 B . 16.20 -8.82 -4.67
P B12 B . 17.10 -8.67 -5.81
O2 B12 B . 18.41 -9.46 -5.60
C3R B12 B . 19.51 -9.17 -4.79
C2R B12 B . 19.20 -9.14 -3.30
O7R B12 B . 18.27 -10.15 -2.84
C1R B12 B . 20.61 -9.33 -2.73
O6R B12 B . 21.32 -10.14 -3.64
C4R B12 B . 20.54 -10.31 -4.84
C5R B12 B . 21.47 -10.33 -6.04
O8R B12 B . 21.15 -11.39 -6.94
N1B B12 B . 20.61 -10.01 -1.44
C8B B12 B . 20.86 -9.37 -0.24
C2B B12 B . 20.32 -11.31 -1.13
N3B B12 B . 20.37 -11.57 0.15
C9B B12 B . 20.72 -10.36 0.75
C4B B12 B . 20.92 -10.02 2.08
C5B B12 B . 21.23 -8.70 2.44
C5M B12 B . 21.49 -8.39 3.89
C6B B12 B . 21.33 -7.69 1.41
C6M B12 B . 21.50 -6.23 1.76
C7B B12 B . 21.16 -8.04 0.08
C1 BNG C . -17.14 9.89 3.69
C2 BNG C . -18.61 10.27 3.74
C3 BNG C . -19.18 9.89 5.08
C4 BNG C . -18.95 8.41 5.36
C5 BNG C . -17.48 7.99 5.13
C6 BNG C . -17.32 6.50 5.07
C1' BNG C . -15.35 9.59 2.09
C2' BNG C . -14.10 10.17 2.68
C3' BNG C . -13.33 10.96 1.68
C4' BNG C . -12.17 10.25 1.05
C5' BNG C . -11.28 11.18 0.27
C6' BNG C . -10.30 10.47 -0.65
C7' BNG C . -10.10 11.16 -1.98
C8' BNG C . -8.89 10.62 -2.68
C9' BNG C . -8.39 11.38 -3.91
O1 BNG C . -16.57 10.29 2.47
O2 BNG C . -18.79 11.65 3.49
O3 BNG C . -20.58 10.15 5.10
O4 BNG C . -19.26 8.12 6.71
O5 BNG C . -17.00 8.49 3.85
O6 BNG C . -17.69 5.97 3.78
C1 BNG D . 13.66 -21.29 -1.16
C2 BNG D . 14.26 -19.88 -1.17
C3 BNG D . 15.17 -19.71 0.03
C4 BNG D . 14.33 -19.97 1.28
C5 BNG D . 13.77 -21.38 1.21
C6 BNG D . 12.96 -21.76 2.42
C1' BNG D . 11.97 -22.63 -2.13
C2' BNG D . 11.61 -23.21 -3.46
C3' BNG D . 10.10 -23.45 -3.60
C4' BNG D . 9.53 -24.54 -2.72
C5' BNG D . 8.78 -24.09 -1.47
C6' BNG D . 9.53 -24.32 -0.16
C7' BNG D . 9.09 -25.54 0.63
C8' BNG D . 9.32 -25.39 2.12
C9' BNG D . 10.65 -25.87 2.63
O1 BNG D . 12.75 -21.43 -2.22
O2 BNG D . 14.85 -19.51 -2.43
O3 BNG D . 15.64 -18.37 0.06
O4 BNG D . 15.11 -19.82 2.46
O5 BNG D . 12.92 -21.45 0.02
O6 BNG D . 12.22 -22.96 2.18
C1 BNG E . -17.46 5.17 9.10
C2 BNG E . -17.12 3.85 8.44
C3 BNG E . -17.52 2.71 9.36
C4 BNG E . -16.75 2.89 10.65
C5 BNG E . -17.14 4.20 11.30
C6 BNG E . -16.34 4.47 12.55
C1' BNG E . -15.55 6.08 8.03
C2' BNG E . -15.02 7.44 7.77
C3' BNG E . -14.14 7.50 6.55
C4' BNG E . -12.94 8.39 6.78
C5' BNG E . -11.67 7.62 7.00
C6' BNG E . -11.01 7.19 5.72
C7' BNG E . -9.57 6.87 5.90
C8' BNG E . -8.98 5.94 4.91
C9' BNG E . -7.51 5.91 5.21
O1 BNG E . -16.95 6.21 8.32
O2 BNG E . -17.73 3.76 7.15
O3 BNG E . -17.22 1.43 8.76
O4 BNG E . -16.99 1.83 11.56
O5 BNG E . -16.83 5.28 10.38
O6 BNG E . -15.29 5.42 12.32
C1 BNG F . -18.14 11.15 -2.10
C2 BNG F . -18.83 10.57 -0.86
C3 BNG F . -20.33 10.27 -1.09
C4 BNG F . -20.62 9.50 -2.37
C5 BNG F . -19.42 9.56 -3.33
C6 BNG F . -19.78 9.26 -4.78
C1' BNG F . -17.11 13.16 -2.76
C2' BNG F . -16.07 13.88 -1.96
C3' BNG F . -15.32 14.89 -2.78
C4' BNG F . -14.29 15.65 -1.98
C5' BNG F . -12.95 14.93 -1.88
C6' BNG F . -11.88 15.52 -2.75
C7' BNG F . -10.51 15.43 -2.14
C8' BNG F . -9.45 16.36 -2.72
C9' BNG F . -8.09 15.70 -2.81
O1 BNG F . -18.08 12.52 -1.92
O2 BNG F . -18.05 9.50 -0.34
O3 BNG F . -21.09 11.48 -1.05
O4 BNG F . -20.94 8.14 -2.08
O5 BNG F . -18.86 10.88 -3.29
O6 BNG F . -20.19 7.87 -4.96
C1 BNG G . 1.76 -8.38 -17.38
C2 BNG G . 2.85 -7.85 -18.29
C3 BNG G . 3.42 -6.62 -17.67
C4 BNG G . 2.34 -5.57 -17.45
C5 BNG G . 1.06 -6.14 -16.83
C6 BNG G . -0.14 -5.26 -17.03
C1' BNG G . 1.33 -10.67 -16.98
C2' BNG G . -0.04 -10.85 -16.46
C3' BNG G . -0.08 -10.71 -14.96
C4' BNG G . 0.94 -11.56 -14.25
C5' BNG G . 0.50 -12.03 -12.87
C6' BNG G . 1.51 -11.73 -11.76
C7' BNG G . 2.28 -12.94 -11.29
C8' BNG G . 3.04 -12.93 -9.98
C9' BNG G . 4.08 -14.05 -9.91
O1 BNG G . 1.28 -9.58 -17.91
O2 BNG G . 3.84 -8.83 -18.57
O3 BNG G . 4.37 -6.15 -18.62
O4 BNG G . 2.82 -4.55 -16.58
O5 BNG G . 0.70 -7.44 -17.37
O6 BNG G . -1.17 -6.00 -17.66
#